data_9EB4
#
_entry.id   9EB4
#
_cell.length_a   56.669
_cell.length_b   55.390
_cell.length_c   133.456
_cell.angle_alpha   90.00
_cell.angle_beta   100.98
_cell.angle_gamma   90.00
#
_symmetry.space_group_name_H-M   'I 1 2 1'
#
loop_
_entity.id
_entity.type
_entity.pdbx_description
1 polymer 'MHC Rfp-Y class I alpha chain'
2 polymer Beta-2-microglobulin
3 non-polymer N-PALMITOYLGLYCINE
4 non-polymer GLYCEROL
5 non-polymer 'TRIETHYLENE GLYCOL'
6 non-polymer 'CHLORIDE ION'
7 non-polymer 'SODIUM ION'
8 water water
#
loop_
_entity_poly.entity_id
_entity_poly.type
_entity_poly.pdbx_seq_one_letter_code
_entity_poly.pdbx_strand_id
1 'polypeptide(L)'
;GSHSLRYFLTGMTDPGPGMPRFVIVGYVDDKIFGTYNSKSRTAQPIVEMLPQEDQEHWDTQTQKAQGGERDFDWNLNRLP
ERYNKSKGSHTMQMMFGCDILEDGSIRGYDQYAFDGRDFLAFDMDTMTFTAADPVAEITKRRWETEGTYAERWKHELGTV
CVQNLRRYLEHGKAALKRRVQPEVRVWGKEADGILTLSCHAHGFYPRPITISWMKDGMVRDQETRWGGIVPNSDGTYHAS
AAIDVLPEDGDKYWCRVEHASLPQPGLFSW
;
A
2 'polypeptide(L)'
;DLTPKVQVYSRFPASAGTKNVLNCFAAGFHPPKISITLMKDGVPMEGAQYSDMSFNDDWTFQRLVHADFTPSSGSTYACK
VEHETLKEPQVYKWDPEF
;
B
#
loop_
_chem_comp.id
_chem_comp.type
_chem_comp.name
_chem_comp.formula
140 non-polymer N-PALMITOYLGLYCINE 'C18 H35 N O3'
CL non-polymer 'CHLORIDE ION' 'Cl -1'
GOL non-polymer GLYCEROL 'C3 H8 O3'
NA non-polymer 'SODIUM ION' 'Na 1'
PGE non-polymer 'TRIETHYLENE GLYCOL' 'C6 H14 O4'
#
# COMPACT_ATOMS: atom_id res chain seq x y z
N GLY A 1 -20.14 -4.44 11.48
CA GLY A 1 -19.41 -3.87 10.37
C GLY A 1 -18.87 -2.47 10.58
N SER A 2 -17.54 -2.36 10.70
CA SER A 2 -16.81 -1.11 10.72
C SER A 2 -16.10 -0.92 9.38
N HIS A 3 -16.22 0.25 8.76
CA HIS A 3 -15.73 0.46 7.40
C HIS A 3 -15.01 1.79 7.28
N SER A 4 -14.13 1.89 6.29
CA SER A 4 -13.27 3.05 6.16
CA SER A 4 -13.25 3.04 6.15
C SER A 4 -13.14 3.45 4.70
N LEU A 5 -13.06 4.76 4.48
CA LEU A 5 -12.73 5.36 3.21
C LEU A 5 -11.49 6.22 3.41
N ARG A 6 -10.50 6.06 2.55
CA ARG A 6 -9.26 6.83 2.66
C ARG A 6 -8.78 7.25 1.28
N TYR A 7 -8.34 8.51 1.18
CA TYR A 7 -7.64 9.01 0.00
C TYR A 7 -6.17 9.30 0.33
N PHE A 8 -5.29 8.90 -0.57
CA PHE A 8 -3.85 9.09 -0.44
C PHE A 8 -3.41 9.95 -1.61
N LEU A 9 -3.05 11.20 -1.31
CA LEU A 9 -2.70 12.20 -2.32
C LEU A 9 -1.21 12.50 -2.23
N THR A 10 -0.53 12.42 -3.38
CA THR A 10 0.89 12.75 -3.50
C THR A 10 1.11 13.75 -4.63
N GLY A 11 1.78 14.85 -4.32
CA GLY A 11 2.33 15.75 -5.32
C GLY A 11 3.85 15.73 -5.22
N MET A 12 4.51 15.81 -6.37
CA MET A 12 5.94 15.56 -6.48
C MET A 12 6.56 16.55 -7.45
N THR A 13 7.67 17.18 -7.05
CA THR A 13 8.45 17.94 -8.03
C THR A 13 9.24 17.03 -8.96
N ASP A 14 9.57 15.81 -8.53
CA ASP A 14 10.49 14.93 -9.25
C ASP A 14 9.96 13.49 -9.17
N PRO A 15 8.86 13.19 -9.88
CA PRO A 15 8.27 11.85 -9.79
C PRO A 15 9.03 10.80 -10.58
N GLY A 16 9.90 11.18 -11.51
CA GLY A 16 10.64 10.23 -12.29
C GLY A 16 10.12 10.15 -13.71
N PRO A 17 10.96 9.67 -14.63
CA PRO A 17 10.61 9.65 -16.06
C PRO A 17 9.23 9.07 -16.34
N GLY A 18 8.42 9.81 -17.10
CA GLY A 18 7.11 9.36 -17.51
C GLY A 18 6.13 9.15 -16.39
N MET A 19 6.38 9.74 -15.24
CA MET A 19 5.46 9.49 -14.15
C MET A 19 4.70 10.76 -13.77
N PRO A 20 3.42 10.65 -13.42
CA PRO A 20 2.66 11.86 -13.07
C PRO A 20 3.21 12.51 -11.81
N ARG A 21 3.14 13.83 -11.78
CA ARG A 21 3.61 14.60 -10.63
C ARG A 21 2.58 14.68 -9.51
N PHE A 22 1.33 14.27 -9.76
CA PHE A 22 0.28 14.32 -8.74
C PHE A 22 -0.58 13.10 -8.93
N VAL A 23 -0.79 12.35 -7.84
CA VAL A 23 -1.52 11.10 -7.86
C VAL A 23 -2.48 11.09 -6.69
N ILE A 24 -3.65 10.49 -6.90
CA ILE A 24 -4.60 10.15 -5.84
C ILE A 24 -4.97 8.69 -5.98
N VAL A 25 -4.90 7.95 -4.87
CA VAL A 25 -5.40 6.57 -4.78
C VAL A 25 -6.43 6.53 -3.67
N GLY A 26 -7.61 5.98 -3.95
CA GLY A 26 -8.69 5.87 -2.98
C GLY A 26 -8.90 4.44 -2.54
N TYR A 27 -9.15 4.24 -1.24
CA TYR A 27 -9.32 2.90 -0.67
CA TYR A 27 -9.31 2.91 -0.66
C TYR A 27 -10.64 2.82 0.07
N VAL A 28 -11.31 1.67 -0.08
CA VAL A 28 -12.44 1.28 0.76
C VAL A 28 -12.06 -0.06 1.39
N ASP A 29 -11.94 -0.09 2.72
CA ASP A 29 -11.57 -1.32 3.46
C ASP A 29 -10.38 -2.07 2.83
N ASP A 30 -9.35 -1.34 2.48
CA ASP A 30 -8.13 -1.96 1.94
C ASP A 30 -8.41 -2.65 0.60
N LYS A 31 -9.27 -2.03 -0.19
CA LYS A 31 -9.41 -2.31 -1.61
C LYS A 31 -9.33 -0.98 -2.34
N ILE A 32 -8.42 -0.88 -3.30
CA ILE A 32 -8.42 0.30 -4.15
C ILE A 32 -9.70 0.33 -4.95
N PHE A 33 -10.44 1.44 -4.84
CA PHE A 33 -11.66 1.61 -5.61
C PHE A 33 -11.52 2.58 -6.79
N GLY A 34 -10.54 3.48 -6.77
CA GLY A 34 -10.36 4.40 -7.89
C GLY A 34 -9.05 5.15 -7.76
N THR A 35 -8.71 5.88 -8.82
CA THR A 35 -7.45 6.62 -8.87
C THR A 35 -7.61 7.86 -9.74
N TYR A 36 -6.71 8.82 -9.52
CA TYR A 36 -6.54 10.00 -10.36
C TYR A 36 -5.05 10.26 -10.49
N ASN A 37 -4.64 10.79 -11.63
CA ASN A 37 -3.27 11.24 -11.78
C ASN A 37 -3.23 12.39 -12.77
N SER A 38 -2.14 13.17 -12.70
CA SER A 38 -2.03 14.41 -13.47
C SER A 38 -1.77 14.18 -14.95
N LYS A 39 -1.43 12.95 -15.37
CA LYS A 39 -1.28 12.66 -16.79
C LYS A 39 -2.64 12.42 -17.46
N SER A 40 -3.47 11.54 -16.89
CA SER A 40 -4.79 11.33 -17.48
C SER A 40 -5.75 12.48 -17.16
N ARG A 41 -5.53 13.20 -16.07
CA ARG A 41 -6.45 14.26 -15.63
C ARG A 41 -7.87 13.74 -15.46
N THR A 42 -8.00 12.44 -15.15
CA THR A 42 -9.29 11.77 -15.08
C THR A 42 -9.32 10.90 -13.84
N ALA A 43 -10.40 10.98 -13.07
CA ALA A 43 -10.61 10.07 -11.94
C ALA A 43 -11.41 8.88 -12.45
N GLN A 44 -10.94 7.67 -12.15
CA GLN A 44 -11.53 6.48 -12.76
C GLN A 44 -11.74 5.40 -11.72
N PRO A 45 -12.89 4.71 -11.76
CA PRO A 45 -13.11 3.61 -10.82
C PRO A 45 -12.29 2.39 -11.25
N ILE A 46 -12.07 1.51 -10.29
CA ILE A 46 -11.52 0.19 -10.56
C ILE A 46 -12.69 -0.72 -10.90
N VAL A 47 -12.85 -1.06 -12.18
CA VAL A 47 -14.10 -1.68 -12.59
C VAL A 47 -14.29 -3.06 -11.98
N GLU A 48 -13.20 -3.74 -11.59
CA GLU A 48 -13.36 -5.04 -10.95
C GLU A 48 -14.10 -4.92 -9.62
N MET A 49 -13.95 -3.79 -8.95
CA MET A 49 -14.70 -3.51 -7.72
C MET A 49 -16.01 -2.77 -8.00
N LEU A 50 -15.96 -1.75 -8.86
CA LEU A 50 -17.10 -0.89 -9.16
C LEU A 50 -17.41 -1.09 -10.64
N PRO A 51 -18.18 -2.14 -10.98
CA PRO A 51 -18.37 -2.48 -12.39
C PRO A 51 -19.39 -1.63 -13.13
N GLN A 52 -20.33 -0.99 -12.45
CA GLN A 52 -21.46 -0.32 -13.11
C GLN A 52 -21.62 1.08 -12.53
N GLU A 53 -20.60 1.91 -12.75
CA GLU A 53 -20.59 3.27 -12.23
C GLU A 53 -21.14 4.25 -13.26
N ASP A 54 -21.80 5.29 -12.76
CA ASP A 54 -22.33 6.34 -13.62
C ASP A 54 -21.28 7.41 -13.86
N GLN A 55 -21.32 7.98 -15.08
CA GLN A 55 -20.32 8.97 -15.45
C GLN A 55 -20.42 10.22 -14.58
N GLU A 56 -21.64 10.55 -14.13
CA GLU A 56 -21.84 11.82 -13.43
C GLU A 56 -21.09 11.83 -12.09
N HIS A 57 -21.15 10.74 -11.34
CA HIS A 57 -20.38 10.64 -10.10
C HIS A 57 -18.90 10.92 -10.35
N TRP A 58 -18.33 10.27 -11.38
CA TRP A 58 -16.90 10.37 -11.63
C TRP A 58 -16.53 11.66 -12.35
N ASP A 59 -17.47 12.28 -13.08
CA ASP A 59 -17.27 13.67 -13.48
C ASP A 59 -16.99 14.55 -12.26
N THR A 60 -17.82 14.43 -11.22
CA THR A 60 -17.60 15.16 -9.97
C THR A 60 -16.26 14.80 -9.34
N GLN A 61 -15.96 13.51 -9.20
CA GLN A 61 -14.68 13.12 -8.60
C GLN A 61 -13.53 13.74 -9.39
N THR A 62 -13.65 13.79 -10.72
CA THR A 62 -12.55 14.30 -11.53
C THR A 62 -12.29 15.78 -11.24
N GLN A 63 -13.35 16.58 -11.22
CA GLN A 63 -13.14 18.01 -10.99
C GLN A 63 -12.60 18.28 -9.58
N LYS A 64 -13.10 17.58 -8.56
CA LYS A 64 -12.54 17.76 -7.22
C LYS A 64 -11.07 17.38 -7.18
N ALA A 65 -10.70 16.31 -7.86
CA ALA A 65 -9.30 15.90 -7.88
C ALA A 65 -8.43 16.91 -8.62
N GLN A 66 -8.96 17.51 -9.69
CA GLN A 66 -8.17 18.49 -10.42
C GLN A 66 -7.93 19.73 -9.57
N GLY A 67 -8.89 20.08 -8.70
CA GLY A 67 -8.66 21.14 -7.75
C GLY A 67 -7.58 20.79 -6.74
N GLY A 68 -7.58 19.54 -6.27
CA GLY A 68 -6.52 19.11 -5.38
C GLY A 68 -5.16 19.23 -6.04
N GLU A 69 -5.06 18.80 -7.30
CA GLU A 69 -3.80 18.94 -8.03
C GLU A 69 -3.34 20.41 -8.06
N ARG A 70 -4.26 21.34 -8.33
CA ARG A 70 -3.88 22.75 -8.35
C ARG A 70 -3.36 23.19 -6.98
N ASP A 71 -4.02 22.77 -5.90
CA ASP A 71 -3.59 23.18 -4.56
C ASP A 71 -2.23 22.62 -4.22
N PHE A 72 -1.99 21.34 -4.51
CA PHE A 72 -0.66 20.77 -4.30
C PHE A 72 0.40 21.51 -5.11
N ASP A 73 0.10 21.84 -6.36
CA ASP A 73 1.05 22.60 -7.17
C ASP A 73 1.33 23.96 -6.55
N TRP A 74 0.28 24.63 -6.06
CA TRP A 74 0.48 25.91 -5.39
C TRP A 74 1.38 25.77 -4.16
N ASN A 75 1.14 24.75 -3.33
CA ASN A 75 1.93 24.60 -2.12
C ASN A 75 3.37 24.17 -2.42
N LEU A 76 3.55 23.22 -3.34
CA LEU A 76 4.91 22.83 -3.71
C LEU A 76 5.72 24.00 -4.25
N ASN A 77 5.08 25.05 -4.77
CA ASN A 77 5.79 26.23 -5.24
C ASN A 77 5.93 27.32 -4.17
N ARG A 78 5.75 26.97 -2.90
CA ARG A 78 5.79 27.98 -1.84
C ARG A 78 6.46 27.44 -0.57
N LEU A 79 6.11 26.21 -0.17
CA LEU A 79 6.64 25.67 1.08
C LEU A 79 8.15 25.48 1.08
N PRO A 80 8.80 25.06 -0.01
CA PRO A 80 10.27 24.89 0.06
C PRO A 80 11.00 26.17 0.45
N GLU A 81 10.64 27.31 -0.16
CA GLU A 81 11.29 28.57 0.19
C GLU A 81 10.98 28.96 1.62
N ARG A 82 9.75 28.67 2.06
CA ARG A 82 9.32 29.07 3.40
C ARG A 82 10.06 28.28 4.47
N TYR A 83 10.34 27.00 4.21
CA TYR A 83 11.19 26.18 5.08
C TYR A 83 12.66 26.49 4.90
N ASN A 84 13.02 27.38 3.98
CA ASN A 84 14.40 27.59 3.59
C ASN A 84 14.87 26.36 2.81
N SER A 86 14.99 23.67 0.38
CA SER A 86 14.44 24.39 -0.77
C SER A 86 15.07 23.92 -2.10
N LYS A 87 16.29 23.41 -2.04
CA LYS A 87 17.12 23.25 -3.24
C LYS A 87 16.91 21.94 -3.99
N GLY A 88 16.51 20.86 -3.31
CA GLY A 88 16.38 19.54 -3.94
C GLY A 88 15.00 19.31 -4.55
N SER A 89 14.58 18.05 -4.57
CA SER A 89 13.20 17.70 -4.90
C SER A 89 12.33 17.81 -3.66
N HIS A 90 11.02 17.98 -3.87
CA HIS A 90 10.07 18.11 -2.77
C HIS A 90 8.81 17.32 -3.05
N THR A 91 8.11 16.97 -1.98
CA THR A 91 6.87 16.23 -2.05
C THR A 91 5.87 16.86 -1.10
N MET A 92 4.60 16.69 -1.46
CA MET A 92 3.46 17.06 -0.63
CA MET A 92 3.49 17.04 -0.58
C MET A 92 2.54 15.86 -0.53
N GLN A 93 2.02 15.59 0.65
CA GLN A 93 1.14 14.44 0.82
C GLN A 93 -0.05 14.82 1.68
N MET A 94 -1.17 14.20 1.38
CA MET A 94 -2.38 14.36 2.18
C MET A 94 -3.05 13.01 2.31
N MET A 95 -3.52 12.69 3.51
CA MET A 95 -4.40 11.54 3.70
C MET A 95 -5.62 12.05 4.43
N PHE A 96 -6.79 11.75 3.89
CA PHE A 96 -8.01 12.07 4.60
C PHE A 96 -9.05 11.01 4.33
N GLY A 97 -10.06 10.99 5.18
CA GLY A 97 -11.18 10.11 4.94
C GLY A 97 -12.06 10.04 6.16
N CYS A 98 -12.78 8.93 6.26
CA CYS A 98 -13.76 8.75 7.32
CA CYS A 98 -13.77 8.76 7.31
C CYS A 98 -13.92 7.28 7.63
N ASP A 99 -14.37 7.02 8.85
CA ASP A 99 -14.78 5.70 9.29
C ASP A 99 -16.24 5.76 9.68
N ILE A 100 -16.95 4.67 9.45
CA ILE A 100 -18.26 4.41 10.01
C ILE A 100 -18.11 3.23 10.95
N LEU A 101 -18.19 3.48 12.25
CA LEU A 101 -18.06 2.43 13.23
C LEU A 101 -19.29 1.52 13.20
N GLU A 102 -19.17 0.36 13.85
CA GLU A 102 -20.26 -0.61 13.84
C GLU A 102 -21.55 0.00 14.40
N ASP A 103 -21.45 0.86 15.41
CA ASP A 103 -22.66 1.50 15.96
C ASP A 103 -23.11 2.72 15.16
N GLY A 104 -22.52 3.00 13.99
CA GLY A 104 -22.95 4.09 13.14
C GLY A 104 -22.28 5.43 13.38
N SER A 105 -21.52 5.58 14.46
CA SER A 105 -20.83 6.85 14.68
C SER A 105 -19.68 7.01 13.70
N ILE A 106 -19.21 8.26 13.56
CA ILE A 106 -18.37 8.67 12.45
C ILE A 106 -17.05 9.21 12.99
N ARG A 107 -15.98 9.01 12.21
CA ARG A 107 -14.69 9.61 12.49
C ARG A 107 -14.16 10.18 11.19
N GLY A 108 -13.54 11.35 11.27
CA GLY A 108 -12.91 12.00 10.12
C GLY A 108 -11.41 12.11 10.35
N TYR A 109 -10.65 11.95 9.28
CA TYR A 109 -9.20 12.05 9.31
C TYR A 109 -8.76 13.03 8.23
N ASP A 110 -7.71 13.80 8.51
CA ASP A 110 -7.28 14.87 7.61
C ASP A 110 -5.88 15.25 8.06
N GLN A 111 -4.86 14.78 7.33
CA GLN A 111 -3.46 14.99 7.68
C GLN A 111 -2.63 15.26 6.43
N TYR A 112 -1.64 16.15 6.60
CA TYR A 112 -0.73 16.60 5.55
C TYR A 112 0.71 16.38 5.97
N ALA A 113 1.57 16.18 4.96
CA ALA A 113 3.00 16.04 5.19
C ALA A 113 3.74 16.74 4.05
N PHE A 114 4.89 17.31 4.38
CA PHE A 114 5.72 18.03 3.43
C PHE A 114 7.11 17.43 3.47
N ASP A 115 7.62 17.05 2.31
CA ASP A 115 8.88 16.32 2.25
C ASP A 115 8.88 15.12 3.20
N GLY A 116 7.75 14.43 3.30
CA GLY A 116 7.70 13.21 4.08
C GLY A 116 7.65 13.37 5.59
N ARG A 117 7.50 14.61 6.10
CA ARG A 117 7.36 14.89 7.52
C ARG A 117 5.98 15.46 7.82
N ASP A 118 5.44 15.14 8.99
CA ASP A 118 4.18 15.76 9.41
C ASP A 118 4.22 17.27 9.18
N PHE A 119 3.10 17.79 8.69
CA PHE A 119 2.99 19.21 8.41
C PHE A 119 1.81 19.81 9.14
N LEU A 120 0.59 19.35 8.85
CA LEU A 120 -0.63 19.92 9.39
C LEU A 120 -1.65 18.81 9.56
N ALA A 121 -2.48 18.93 10.60
CA ALA A 121 -3.64 18.06 10.75
C ALA A 121 -4.87 18.90 11.08
N PHE A 122 -6.03 18.39 10.69
CA PHE A 122 -7.31 19.00 11.02
C PHE A 122 -8.17 17.97 11.73
N ASP A 123 -8.70 18.35 12.89
CA ASP A 123 -9.54 17.49 13.72
C ASP A 123 -10.99 17.93 13.56
N MET A 124 -11.79 17.08 12.91
CA MET A 124 -13.17 17.42 12.59
C MET A 124 -14.03 17.64 13.83
N ASP A 125 -13.83 16.83 14.88
CA ASP A 125 -14.77 16.86 16.00
C ASP A 125 -14.59 18.10 16.86
N THR A 126 -13.37 18.64 16.96
CA THR A 126 -13.16 19.90 17.66
C THR A 126 -13.03 21.08 16.70
N MET A 127 -12.96 20.83 15.39
CA MET A 127 -12.79 21.91 14.41
C MET A 127 -11.49 22.68 14.64
N THR A 128 -10.44 21.98 15.02
CA THR A 128 -9.17 22.64 15.27
C THR A 128 -8.08 22.05 14.39
N PHE A 129 -7.07 22.86 14.12
CA PHE A 129 -5.86 22.45 13.44
C PHE A 129 -4.73 22.23 14.45
N THR A 130 -3.77 21.41 14.04
CA THR A 130 -2.52 21.24 14.77
CA THR A 130 -2.52 21.25 14.76
C THR A 130 -1.39 21.30 13.76
N ALA A 131 -0.36 22.10 14.06
CA ALA A 131 0.79 22.28 13.17
C ALA A 131 1.99 21.49 13.69
N ALA A 132 2.78 20.94 12.78
CA ALA A 132 3.86 20.06 13.21
C ALA A 132 5.11 20.82 13.62
N ASP A 133 5.20 22.10 13.26
CA ASP A 133 6.39 22.92 13.50
C ASP A 133 6.05 24.37 13.28
N PRO A 134 6.93 25.29 13.68
CA PRO A 134 6.62 26.73 13.57
C PRO A 134 6.39 27.23 12.15
N VAL A 135 6.88 26.53 11.13
CA VAL A 135 6.57 26.94 9.76
C VAL A 135 5.15 26.57 9.39
N ALA A 136 4.77 25.32 9.68
CA ALA A 136 3.40 24.88 9.47
C ALA A 136 2.42 25.76 10.24
N GLU A 137 2.84 26.23 11.41
CA GLU A 137 2.00 27.08 12.23
C GLU A 137 1.50 28.29 11.46
N ILE A 138 2.30 28.78 10.51
CA ILE A 138 1.89 29.90 9.69
C ILE A 138 0.64 29.55 8.89
N THR A 139 0.67 28.40 8.20
CA THR A 139 -0.50 27.98 7.46
C THR A 139 -1.68 27.72 8.37
N LYS A 140 -1.43 27.11 9.54
CA LYS A 140 -2.51 26.89 10.50
C LYS A 140 -3.23 28.18 10.82
N ARG A 141 -2.47 29.21 11.19
CA ARG A 141 -3.10 30.44 11.65
C ARG A 141 -3.84 31.14 10.52
N ARG A 142 -3.30 31.05 9.30
CA ARG A 142 -3.96 31.68 8.18
C ARG A 142 -5.27 30.97 7.85
N TRP A 143 -5.27 29.63 7.92
CA TRP A 143 -6.48 28.87 7.62
C TRP A 143 -7.54 29.05 8.70
N GLU A 144 -7.15 29.03 9.98
CA GLU A 144 -8.16 29.23 11.00
C GLU A 144 -8.70 30.65 10.96
N THR A 145 -7.84 31.64 10.70
CA THR A 145 -8.29 33.02 10.69
C THR A 145 -9.25 33.31 9.53
N GLU A 146 -9.00 32.72 8.36
CA GLU A 146 -9.96 32.87 7.28
C GLU A 146 -11.28 32.21 7.62
N GLY A 147 -11.26 31.18 8.46
CA GLY A 147 -12.49 30.58 8.94
C GLY A 147 -13.31 29.88 7.88
N THR A 148 -12.67 29.44 6.79
CA THR A 148 -13.35 28.76 5.69
CA THR A 148 -13.38 28.75 5.72
C THR A 148 -13.03 27.28 5.64
N TYR A 149 -11.76 26.92 5.79
CA TYR A 149 -11.35 25.51 5.68
C TYR A 149 -12.13 24.64 6.66
N ALA A 150 -12.26 25.08 7.92
CA ALA A 150 -12.85 24.23 8.94
C ALA A 150 -14.27 23.81 8.57
N GLU A 151 -15.08 24.73 8.08
CA GLU A 151 -16.46 24.35 7.76
C GLU A 151 -16.51 23.48 6.50
N ARG A 152 -15.65 23.76 5.52
CA ARG A 152 -15.65 22.97 4.29
C ARG A 152 -15.26 21.54 4.57
N TRP A 153 -14.23 21.34 5.41
CA TRP A 153 -13.76 19.99 5.65
C TRP A 153 -14.57 19.27 6.71
N LYS A 154 -15.20 20.00 7.65
CA LYS A 154 -16.22 19.36 8.47
C LYS A 154 -17.28 18.73 7.58
N HIS A 155 -17.70 19.47 6.54
CA HIS A 155 -18.66 18.93 5.58
C HIS A 155 -18.05 17.80 4.77
N GLU A 156 -16.84 18.04 4.25
CA GLU A 156 -16.21 17.07 3.36
C GLU A 156 -16.02 15.74 4.07
N LEU A 157 -15.52 15.76 5.30
CA LEU A 157 -15.23 14.52 6.00
C LEU A 157 -16.48 13.90 6.62
N GLY A 158 -17.31 14.71 7.26
CA GLY A 158 -18.42 14.18 8.02
C GLY A 158 -19.67 13.95 7.21
N THR A 159 -19.79 14.61 6.05
CA THR A 159 -20.96 14.39 5.21
C THR A 159 -20.60 13.76 3.87
N VAL A 160 -19.72 14.37 3.07
CA VAL A 160 -19.48 13.86 1.72
C VAL A 160 -18.79 12.51 1.77
N CYS A 161 -17.74 12.41 2.59
CA CYS A 161 -16.99 11.16 2.69
CA CYS A 161 -16.98 11.16 2.69
C CYS A 161 -17.87 9.99 3.11
N VAL A 162 -18.69 10.20 4.14
CA VAL A 162 -19.50 9.07 4.62
CA VAL A 162 -19.53 9.10 4.64
C VAL A 162 -20.52 8.68 3.56
N GLN A 163 -21.14 9.64 2.89
CA GLN A 163 -22.05 9.33 1.80
C GLN A 163 -21.35 8.52 0.71
N ASN A 164 -20.14 8.94 0.33
CA ASN A 164 -19.41 8.20 -0.71
C ASN A 164 -18.99 6.83 -0.21
N LEU A 165 -18.63 6.73 1.07
CA LEU A 165 -18.33 5.42 1.64
C LEU A 165 -19.54 4.49 1.52
N ARG A 166 -20.72 4.96 1.91
CA ARG A 166 -21.91 4.13 1.78
C ARG A 166 -22.15 3.74 0.33
N ARG A 167 -21.93 4.66 -0.59
CA ARG A 167 -22.14 4.34 -1.99
C ARG A 167 -21.15 3.26 -2.45
N TYR A 168 -19.87 3.44 -2.15
CA TYR A 168 -18.90 2.44 -2.58
C TYR A 168 -19.17 1.09 -1.92
N LEU A 169 -19.50 1.07 -0.62
CA LEU A 169 -19.80 -0.19 0.03
C LEU A 169 -20.93 -0.91 -0.69
N GLU A 170 -21.97 -0.16 -1.08
CA GLU A 170 -23.10 -0.79 -1.76
C GLU A 170 -22.74 -1.18 -3.20
N HIS A 171 -22.15 -0.25 -3.96
CA HIS A 171 -21.83 -0.55 -5.36
C HIS A 171 -20.79 -1.65 -5.47
N GLY A 172 -19.88 -1.75 -4.50
CA GLY A 172 -18.80 -2.71 -4.61
C GLY A 172 -18.97 -3.90 -3.70
N LYS A 173 -20.21 -4.18 -3.29
CA LYS A 173 -20.44 -5.20 -2.27
C LYS A 173 -20.00 -6.59 -2.74
N ALA A 174 -20.19 -6.90 -4.03
CA ALA A 174 -19.76 -8.21 -4.53
C ALA A 174 -18.27 -8.41 -4.34
N ALA A 175 -17.47 -7.47 -4.86
CA ALA A 175 -16.03 -7.59 -4.68
C ALA A 175 -15.64 -7.52 -3.21
N LEU A 176 -16.33 -6.69 -2.43
CA LEU A 176 -15.88 -6.47 -1.06
C LEU A 176 -16.11 -7.69 -0.18
N LYS A 177 -17.14 -8.47 -0.46
CA LYS A 177 -17.52 -9.58 0.38
C LYS A 177 -16.95 -10.92 -0.09
N ARG A 178 -16.34 -10.96 -1.27
CA ARG A 178 -15.88 -12.22 -1.86
C ARG A 178 -14.60 -12.65 -1.16
N ARG A 179 -14.66 -13.71 -0.37
CA ARG A 179 -13.49 -14.20 0.35
C ARG A 179 -12.63 -15.08 -0.56
N VAL A 180 -11.33 -14.88 -0.47
CA VAL A 180 -10.36 -15.62 -1.28
C VAL A 180 -9.40 -16.31 -0.32
N GLN A 181 -9.40 -17.64 -0.35
CA GLN A 181 -8.57 -18.40 0.57
CA GLN A 181 -8.57 -18.41 0.57
C GLN A 181 -7.10 -18.30 0.16
N PRO A 182 -6.19 -18.20 1.13
CA PRO A 182 -4.77 -18.19 0.78
C PRO A 182 -4.35 -19.56 0.27
N GLU A 183 -3.39 -19.58 -0.64
CA GLU A 183 -2.68 -20.80 -1.00
C GLU A 183 -1.33 -20.76 -0.28
N VAL A 184 -1.10 -21.73 0.59
CA VAL A 184 0.01 -21.68 1.52
C VAL A 184 1.10 -22.64 1.04
N ARG A 185 2.33 -22.15 1.01
CA ARG A 185 3.49 -22.94 0.64
C ARG A 185 4.51 -22.84 1.77
N VAL A 186 4.93 -24.00 2.28
CA VAL A 186 5.95 -24.08 3.31
C VAL A 186 7.23 -24.61 2.68
N TRP A 187 8.32 -23.87 2.83
CA TRP A 187 9.59 -24.22 2.19
C TRP A 187 10.72 -24.20 3.20
N GLY A 188 11.74 -25.01 2.94
CA GLY A 188 12.91 -25.05 3.78
C GLY A 188 14.20 -25.14 2.99
N LYS A 189 15.17 -24.30 3.31
CA LYS A 189 16.47 -24.29 2.65
C LYS A 189 17.57 -24.33 3.71
N GLU A 190 18.57 -25.17 3.47
CA GLU A 190 19.69 -25.34 4.38
C GLU A 190 20.87 -24.50 3.93
N ALA A 191 21.58 -23.91 4.89
CA ALA A 191 22.77 -23.12 4.62
C ALA A 191 23.53 -22.92 5.92
N ASP A 192 24.86 -23.06 5.85
CA ASP A 192 25.73 -23.02 7.03
C ASP A 192 25.29 -24.03 8.08
N GLY A 193 24.60 -25.09 7.66
CA GLY A 193 24.18 -26.14 8.57
C GLY A 193 22.87 -25.91 9.29
N ILE A 194 22.13 -24.87 8.94
CA ILE A 194 20.85 -24.59 9.59
C ILE A 194 19.75 -24.57 8.53
N LEU A 195 18.55 -24.96 8.95
CA LEU A 195 17.39 -25.02 8.06
C LEU A 195 16.48 -23.83 8.32
N THR A 196 16.31 -22.99 7.31
CA THR A 196 15.34 -21.90 7.38
C THR A 196 14.03 -22.40 6.78
N LEU A 197 12.97 -22.42 7.61
CA LEU A 197 11.63 -22.77 7.15
C LEU A 197 10.83 -21.50 6.88
N SER A 198 10.28 -21.37 5.67
CA SER A 198 9.50 -20.21 5.27
CA SER A 198 9.50 -20.20 5.29
C SER A 198 8.07 -20.62 4.96
N CYS A 199 7.11 -19.94 5.57
CA CYS A 199 5.69 -20.17 5.33
C CYS A 199 5.14 -18.97 4.56
N HIS A 200 4.73 -19.18 3.31
CA HIS A 200 4.20 -18.10 2.47
C HIS A 200 2.71 -18.31 2.19
N ALA A 201 1.88 -17.30 2.48
CA ALA A 201 0.46 -17.33 2.13
C ALA A 201 0.22 -16.45 0.91
N HIS A 202 -0.24 -17.06 -0.19
CA HIS A 202 -0.43 -16.37 -1.46
C HIS A 202 -1.90 -16.08 -1.72
N GLY A 203 -2.21 -14.83 -2.05
CA GLY A 203 -3.47 -14.54 -2.72
C GLY A 203 -4.73 -14.59 -1.88
N PHE A 204 -4.69 -14.03 -0.67
CA PHE A 204 -5.88 -14.03 0.17
C PHE A 204 -6.55 -12.66 0.17
N TYR A 205 -7.85 -12.69 0.48
CA TYR A 205 -8.67 -11.51 0.63
C TYR A 205 -9.78 -11.97 1.55
N PRO A 206 -10.15 -11.16 2.57
CA PRO A 206 -9.59 -9.83 2.81
C PRO A 206 -8.22 -9.86 3.45
N ARG A 207 -7.73 -8.67 3.78
CA ARG A 207 -6.35 -8.41 4.12
C ARG A 207 -5.90 -8.98 5.46
N PRO A 208 -6.72 -8.93 6.51
CA PRO A 208 -6.23 -9.43 7.81
C PRO A 208 -5.91 -10.92 7.77
N ILE A 209 -4.73 -11.27 8.29
CA ILE A 209 -4.26 -12.65 8.36
C ILE A 209 -3.28 -12.77 9.52
N THR A 210 -3.14 -13.97 10.04
CA THR A 210 -2.06 -14.22 10.99
C THR A 210 -1.35 -15.51 10.63
N ILE A 211 -0.08 -15.56 10.97
CA ILE A 211 0.80 -16.69 10.65
C ILE A 211 1.70 -16.90 11.83
N SER A 212 1.74 -18.12 12.36
CA SER A 212 2.56 -18.46 13.50
C SER A 212 3.29 -19.76 13.20
N TRP A 213 4.41 -19.99 13.89
CA TRP A 213 5.19 -21.21 13.75
C TRP A 213 5.10 -22.01 15.05
N MET A 214 4.81 -23.30 14.94
CA MET A 214 4.60 -24.16 16.10
C MET A 214 5.52 -25.37 16.02
N LYS A 215 6.08 -25.74 17.17
CA LYS A 215 6.88 -26.94 17.33
C LYS A 215 6.29 -27.76 18.45
N ASP A 216 6.17 -29.06 18.26
CA ASP A 216 5.56 -29.96 19.24
C ASP A 216 4.25 -29.36 19.75
N GLY A 217 3.52 -28.69 18.86
CA GLY A 217 2.23 -28.10 19.17
C GLY A 217 2.30 -26.81 19.95
N MET A 218 3.47 -26.38 20.39
CA MET A 218 3.63 -25.14 21.15
C MET A 218 4.22 -24.06 20.24
N VAL A 219 3.78 -22.82 20.47
CA VAL A 219 4.18 -21.72 19.61
C VAL A 219 5.67 -21.42 19.78
N ARG A 220 6.31 -20.93 18.71
CA ARG A 220 7.72 -20.50 18.80
C ARG A 220 7.89 -19.13 18.15
N ASP A 221 7.42 -18.09 18.85
CA ASP A 221 7.55 -16.74 18.31
C ASP A 221 8.96 -16.21 18.41
N GLN A 222 9.75 -16.74 19.35
CA GLN A 222 10.98 -16.06 19.76
C GLN A 222 11.97 -15.95 18.62
N GLU A 223 11.95 -16.90 17.68
CA GLU A 223 12.91 -16.92 16.58
C GLU A 223 12.20 -16.86 15.22
N THR A 224 11.07 -16.19 15.16
CA THR A 224 10.29 -16.05 13.94
C THR A 224 10.50 -14.65 13.36
N ARG A 225 10.63 -14.58 12.04
CA ARG A 225 10.66 -13.31 11.31
C ARG A 225 9.44 -13.26 10.42
N TRP A 226 8.75 -12.12 10.42
CA TRP A 226 7.61 -11.92 9.54
C TRP A 226 7.96 -10.92 8.45
N GLY A 227 7.57 -11.25 7.23
CA GLY A 227 7.80 -10.31 6.15
C GLY A 227 6.75 -9.23 5.97
N GLY A 228 5.59 -9.34 6.61
CA GLY A 228 4.56 -8.33 6.45
C GLY A 228 3.54 -8.72 5.41
N ILE A 229 2.42 -8.00 5.42
CA ILE A 229 1.34 -8.21 4.45
C ILE A 229 1.58 -7.27 3.28
N VAL A 230 1.74 -7.84 2.09
CA VAL A 230 2.10 -7.02 0.93
C VAL A 230 1.09 -7.32 -0.18
N PRO A 231 0.92 -6.39 -1.12
CA PRO A 231 -0.14 -6.52 -2.12
C PRO A 231 0.25 -7.34 -3.34
N ASN A 232 -0.75 -8.03 -3.88
CA ASN A 232 -0.73 -8.49 -5.26
C ASN A 232 -1.44 -7.46 -6.13
N SER A 233 -1.28 -7.58 -7.45
CA SER A 233 -1.90 -6.61 -8.33
C SER A 233 -3.39 -6.87 -8.58
N ASP A 234 -3.92 -8.01 -8.19
CA ASP A 234 -5.35 -8.28 -8.38
C ASP A 234 -6.17 -7.94 -7.14
N GLY A 235 -5.60 -7.22 -6.16
CA GLY A 235 -6.32 -6.87 -4.96
C GLY A 235 -6.28 -7.92 -3.86
N THR A 236 -5.63 -9.05 -4.10
CA THR A 236 -5.35 -9.97 -3.01
C THR A 236 -4.01 -9.62 -2.37
N TYR A 237 -3.66 -10.35 -1.31
CA TYR A 237 -2.50 -10.02 -0.54
C TYR A 237 -1.63 -11.26 -0.36
N HIS A 238 -0.47 -10.99 0.22
CA HIS A 238 0.58 -11.96 0.41
C HIS A 238 1.19 -11.70 1.79
N ALA A 239 1.57 -12.75 2.49
CA ALA A 239 2.17 -12.62 3.80
C ALA A 239 3.08 -13.81 4.03
N SER A 240 4.06 -13.64 4.93
CA SER A 240 5.13 -14.63 5.06
C SER A 240 5.61 -14.68 6.51
N ALA A 241 6.18 -15.83 6.87
CA ALA A 241 6.83 -15.99 8.16
C ALA A 241 7.95 -16.99 7.98
N ALA A 242 9.06 -16.77 8.66
CA ALA A 242 10.19 -17.67 8.58
C ALA A 242 10.70 -18.00 9.97
N ILE A 243 11.43 -19.12 10.07
CA ILE A 243 12.01 -19.55 11.34
C ILE A 243 13.21 -20.43 11.03
N ASP A 244 14.28 -20.25 11.80
CA ASP A 244 15.48 -21.06 11.66
C ASP A 244 15.48 -22.19 12.69
N VAL A 245 15.86 -23.39 12.24
CA VAL A 245 15.78 -24.57 13.08
C VAL A 245 16.79 -25.60 12.60
N LEU A 246 17.16 -26.51 13.51
CA LEU A 246 18.17 -27.52 13.18
C LEU A 246 17.59 -28.52 12.20
N PRO A 247 18.33 -28.87 11.13
CA PRO A 247 17.73 -29.70 10.08
C PRO A 247 17.14 -31.01 10.59
N GLU A 248 17.54 -31.45 11.79
CA GLU A 248 16.97 -32.69 12.35
C GLU A 248 15.52 -32.50 12.75
N ASP A 249 15.16 -31.33 13.31
CA ASP A 249 13.82 -31.07 13.81
C ASP A 249 12.89 -30.47 12.75
N GLY A 250 13.23 -30.61 11.46
CA GLY A 250 12.49 -29.90 10.42
C GLY A 250 11.08 -30.41 10.23
N ASP A 251 10.83 -31.68 10.53
CA ASP A 251 9.49 -32.25 10.43
C ASP A 251 8.59 -31.85 11.59
N LYS A 252 9.13 -31.19 12.62
CA LYS A 252 8.40 -30.94 13.86
C LYS A 252 7.76 -29.56 13.93
N TYR A 253 7.79 -28.79 12.85
CA TYR A 253 7.29 -27.42 12.86
C TYR A 253 6.06 -27.30 11.97
N TRP A 254 5.03 -26.65 12.48
CA TRP A 254 3.82 -26.29 11.76
C TRP A 254 3.61 -24.80 11.72
N CYS A 255 3.32 -24.28 10.53
CA CYS A 255 2.88 -22.91 10.46
CA CYS A 255 2.87 -22.91 10.39
C CYS A 255 1.36 -22.91 10.47
N ARG A 256 0.81 -22.01 11.28
CA ARG A 256 -0.62 -21.92 11.57
C ARG A 256 -1.13 -20.65 10.91
N VAL A 257 -2.09 -20.79 10.01
CA VAL A 257 -2.62 -19.67 9.24
C VAL A 257 -4.09 -19.48 9.63
N GLU A 258 -4.44 -18.27 10.05
CA GLU A 258 -5.81 -17.90 10.34
C GLU A 258 -6.24 -16.78 9.42
N HIS A 259 -7.41 -16.93 8.81
CA HIS A 259 -7.90 -16.02 7.80
C HIS A 259 -9.40 -16.17 7.74
N ALA A 260 -10.10 -15.07 7.45
CA ALA A 260 -11.56 -15.12 7.48
C ALA A 260 -12.13 -16.14 6.51
N SER A 261 -11.37 -16.52 5.48
CA SER A 261 -11.81 -17.50 4.50
C SER A 261 -11.66 -18.94 4.98
N LEU A 262 -11.06 -19.15 6.14
CA LEU A 262 -10.84 -20.47 6.69
C LEU A 262 -11.71 -20.61 7.92
N PRO A 263 -12.70 -21.53 7.92
CA PRO A 263 -13.51 -21.71 9.13
C PRO A 263 -12.64 -22.00 10.33
N GLN A 264 -11.63 -22.84 10.17
CA GLN A 264 -10.70 -23.14 11.25
C GLN A 264 -9.29 -22.84 10.76
N PRO A 265 -8.42 -22.35 11.64
CA PRO A 265 -7.04 -22.09 11.23
C PRO A 265 -6.39 -23.32 10.61
N GLY A 266 -5.65 -23.11 9.53
CA GLY A 266 -4.98 -24.20 8.84
C GLY A 266 -3.57 -24.44 9.37
N LEU A 267 -3.21 -25.71 9.45
CA LEU A 267 -1.87 -26.10 9.87
C LEU A 267 -1.14 -26.70 8.69
N PHE A 268 0.07 -26.20 8.42
CA PHE A 268 0.85 -26.61 7.27
C PHE A 268 2.25 -26.99 7.73
N SER A 269 2.80 -28.04 7.13
CA SER A 269 4.17 -28.47 7.39
C SER A 269 4.99 -28.47 6.10
N TRP A 270 6.29 -28.67 6.28
CA TRP A 270 7.25 -28.78 5.20
C TRP A 270 7.23 -30.18 4.58
N ASP B 1 15.98 3.98 8.49
CA ASP B 1 16.34 4.88 7.39
C ASP B 1 15.27 4.87 6.29
N LEU B 2 15.52 5.60 5.20
CA LEU B 2 14.54 5.82 4.14
C LEU B 2 14.91 5.11 2.84
N THR B 3 15.79 4.11 2.90
CA THR B 3 16.06 3.29 1.73
C THR B 3 14.87 2.37 1.47
N PRO B 4 14.71 1.91 0.23
CA PRO B 4 13.65 0.94 -0.06
C PRO B 4 13.87 -0.39 0.66
N LYS B 5 12.80 -0.90 1.27
CA LYS B 5 12.73 -2.30 1.71
C LYS B 5 11.95 -3.09 0.67
N VAL B 6 12.55 -4.18 0.18
CA VAL B 6 12.12 -4.81 -1.06
C VAL B 6 11.78 -6.27 -0.78
N GLN B 7 10.66 -6.73 -1.29
CA GLN B 7 10.30 -8.14 -1.31
C GLN B 7 9.96 -8.55 -2.72
N VAL B 8 10.41 -9.75 -3.11
CA VAL B 8 10.09 -10.33 -4.40
C VAL B 8 9.32 -11.63 -4.16
N TYR B 9 8.18 -11.77 -4.82
CA TYR B 9 7.36 -12.95 -4.57
C TYR B 9 6.45 -13.17 -5.77
N SER B 10 6.06 -14.42 -5.99
CA SER B 10 5.16 -14.75 -7.08
C SER B 10 3.72 -14.73 -6.60
N ARG B 11 2.81 -14.37 -7.50
CA ARG B 11 1.41 -14.26 -7.12
C ARG B 11 0.88 -15.58 -6.59
N PHE B 12 1.14 -16.68 -7.30
CA PHE B 12 0.80 -18.03 -6.87
C PHE B 12 2.04 -18.77 -6.40
N PRO B 13 1.87 -19.78 -5.56
CA PRO B 13 3.00 -20.68 -5.26
C PRO B 13 3.61 -21.21 -6.55
N ALA B 14 4.91 -21.08 -6.68
CA ALA B 14 5.55 -21.24 -7.97
C ALA B 14 5.76 -22.72 -8.29
N SER B 15 5.63 -23.07 -9.55
CA SER B 15 6.09 -24.38 -10.00
C SER B 15 6.50 -24.28 -11.45
N ALA B 16 7.56 -25.00 -11.79
CA ALA B 16 8.21 -24.79 -13.07
C ALA B 16 7.24 -25.06 -14.21
N GLY B 17 7.25 -24.17 -15.21
CA GLY B 17 6.43 -24.32 -16.39
C GLY B 17 4.97 -23.93 -16.26
N THR B 18 4.53 -23.39 -15.12
CA THR B 18 3.14 -22.97 -14.95
C THR B 18 3.06 -21.44 -14.88
N LYS B 19 2.17 -20.87 -15.70
CA LYS B 19 2.03 -19.42 -15.79
C LYS B 19 1.77 -18.83 -14.40
N ASN B 20 2.35 -17.66 -14.16
CA ASN B 20 2.35 -17.02 -12.83
C ASN B 20 2.56 -15.52 -13.02
N VAL B 21 2.68 -14.80 -11.90
CA VAL B 21 3.00 -13.38 -11.90
C VAL B 21 4.12 -13.16 -10.89
N LEU B 22 5.15 -12.44 -11.30
CA LEU B 22 6.27 -12.11 -10.45
C LEU B 22 6.07 -10.70 -9.95
N ASN B 23 6.24 -10.51 -8.65
CA ASN B 23 5.98 -9.26 -7.95
C ASN B 23 7.26 -8.73 -7.35
N CYS B 24 7.46 -7.43 -7.44
CA CYS B 24 8.49 -6.75 -6.67
C CYS B 24 7.85 -5.60 -5.92
N PHE B 25 7.89 -5.65 -4.59
CA PHE B 25 7.27 -4.63 -3.77
C PHE B 25 8.33 -3.87 -2.99
N ALA B 26 8.44 -2.57 -3.23
CA ALA B 26 9.33 -1.69 -2.46
C ALA B 26 8.52 -0.80 -1.54
N ALA B 27 9.01 -0.57 -0.33
CA ALA B 27 8.24 0.23 0.64
C ALA B 27 9.18 0.95 1.60
N GLY B 28 8.61 1.88 2.38
CA GLY B 28 9.36 2.58 3.40
C GLY B 28 10.39 3.57 2.89
N PHE B 29 10.26 4.04 1.66
CA PHE B 29 11.32 4.87 1.10
C PHE B 29 10.86 6.30 0.87
N HIS B 30 11.85 7.17 0.74
CA HIS B 30 11.64 8.57 0.40
C HIS B 30 12.95 9.11 -0.15
N PRO B 31 12.94 9.95 -1.19
CA PRO B 31 11.76 10.46 -1.91
C PRO B 31 11.03 9.39 -2.76
N PRO B 32 9.89 9.75 -3.35
CA PRO B 32 9.09 8.76 -4.07
C PRO B 32 9.67 8.31 -5.40
N LYS B 33 10.55 9.09 -6.04
CA LYS B 33 11.14 8.64 -7.30
C LYS B 33 11.95 7.38 -7.06
N ILE B 34 11.73 6.37 -7.89
CA ILE B 34 12.38 5.08 -7.69
C ILE B 34 12.33 4.30 -8.98
N SER B 35 13.37 3.52 -9.23
CA SER B 35 13.45 2.63 -10.38
CA SER B 35 13.46 2.63 -10.39
C SER B 35 13.36 1.19 -9.91
N ILE B 36 12.43 0.44 -10.49
CA ILE B 36 12.19 -0.95 -10.11
C ILE B 36 12.02 -1.77 -11.38
N THR B 37 12.90 -2.75 -11.59
CA THR B 37 12.93 -3.52 -12.83
C THR B 37 12.94 -5.00 -12.51
N LEU B 38 11.93 -5.73 -12.97
CA LEU B 38 11.94 -7.19 -12.90
C LEU B 38 12.82 -7.72 -14.03
N MET B 39 13.60 -8.74 -13.73
CA MET B 39 14.49 -9.31 -14.73
C MET B 39 14.49 -10.84 -14.66
N LYS B 40 14.68 -11.45 -15.83
CA LYS B 40 14.97 -12.87 -15.94
C LYS B 40 16.38 -13.03 -16.51
N ASP B 41 17.27 -13.64 -15.72
CA ASP B 41 18.69 -13.75 -16.05
C ASP B 41 19.26 -12.40 -16.50
N GLY B 42 19.00 -11.37 -15.71
CA GLY B 42 19.50 -10.04 -15.99
C GLY B 42 18.88 -9.34 -17.18
N VAL B 43 17.82 -9.89 -17.77
CA VAL B 43 17.13 -9.28 -18.90
C VAL B 43 15.80 -8.71 -18.41
N PRO B 44 15.51 -7.43 -18.65
CA PRO B 44 14.23 -6.87 -18.17
C PRO B 44 13.07 -7.70 -18.69
N MET B 45 12.14 -8.03 -17.80
CA MET B 45 11.01 -8.83 -18.23
C MET B 45 10.04 -7.92 -18.98
N GLU B 46 9.40 -8.45 -20.02
CA GLU B 46 8.45 -7.68 -20.81
C GLU B 46 7.09 -7.63 -20.14
N GLY B 47 6.33 -6.58 -20.45
CA GLY B 47 4.97 -6.45 -19.96
C GLY B 47 4.84 -6.00 -18.51
N ALA B 48 5.89 -5.42 -17.94
CA ALA B 48 5.86 -5.04 -16.52
C ALA B 48 4.98 -3.82 -16.30
N GLN B 49 4.28 -3.81 -15.16
CA GLN B 49 3.40 -2.71 -14.80
C GLN B 49 3.70 -2.26 -13.36
N TYR B 50 3.44 -0.97 -13.10
CA TYR B 50 3.70 -0.37 -11.80
C TYR B 50 2.40 0.16 -11.22
N SER B 51 2.33 0.15 -9.89
CA SER B 51 1.19 0.70 -9.19
C SER B 51 1.25 2.22 -9.17
N ASP B 52 0.10 2.85 -8.98
CA ASP B 52 0.08 4.28 -8.76
C ASP B 52 0.80 4.60 -7.44
N MET B 53 1.67 5.61 -7.48
CA MET B 53 2.41 6.02 -6.29
C MET B 53 1.47 6.19 -5.11
N SER B 54 1.83 5.59 -3.98
CA SER B 54 1.06 5.71 -2.76
CA SER B 54 1.05 5.67 -2.76
C SER B 54 2.02 5.57 -1.59
N PHE B 55 1.48 5.58 -0.38
CA PHE B 55 2.33 5.60 0.80
C PHE B 55 1.62 4.99 1.99
N ASN B 56 2.43 4.60 2.96
CA ASN B 56 2.02 4.08 4.26
C ASN B 56 1.53 5.20 5.17
N ASP B 57 0.86 4.81 6.25
CA ASP B 57 0.40 5.72 7.29
C ASP B 57 1.52 6.62 7.81
N ASP B 58 2.76 6.12 7.84
CA ASP B 58 3.90 6.92 8.31
C ASP B 58 4.50 7.79 7.22
N TRP B 59 3.83 7.94 6.08
CA TRP B 59 4.18 8.83 4.99
C TRP B 59 5.20 8.23 4.03
N THR B 60 5.90 7.14 4.38
CA THR B 60 6.89 6.57 3.47
C THR B 60 6.21 5.94 2.24
N PHE B 61 6.87 6.04 1.10
CA PHE B 61 6.26 5.65 -0.17
C PHE B 61 6.47 4.16 -0.44
N GLN B 62 5.68 3.65 -1.40
CA GLN B 62 5.73 2.23 -1.75
C GLN B 62 5.23 2.04 -3.17
N ARG B 63 5.68 0.96 -3.77
CA ARG B 63 5.33 0.68 -5.16
C ARG B 63 5.44 -0.82 -5.39
N LEU B 64 4.44 -1.35 -6.08
CA LEU B 64 4.42 -2.73 -6.53
C LEU B 64 4.67 -2.74 -8.02
N VAL B 65 5.63 -3.57 -8.47
CA VAL B 65 5.80 -3.84 -9.89
C VAL B 65 5.61 -5.32 -10.11
N HIS B 66 4.92 -5.67 -11.20
CA HIS B 66 4.58 -7.06 -11.47
C HIS B 66 4.60 -7.31 -12.97
N ALA B 67 4.82 -8.57 -13.35
CA ALA B 67 4.84 -9.01 -14.75
C ALA B 67 4.48 -10.48 -14.83
N ASP B 68 3.70 -10.84 -15.85
CA ASP B 68 3.41 -12.23 -16.12
C ASP B 68 4.70 -12.96 -16.47
N PHE B 69 4.83 -14.19 -15.99
CA PHE B 69 6.00 -14.98 -16.37
C PHE B 69 5.67 -16.46 -16.16
N THR B 70 6.45 -17.31 -16.81
CA THR B 70 6.36 -18.76 -16.61
C THR B 70 7.70 -19.21 -16.06
N PRO B 71 7.80 -19.38 -14.74
CA PRO B 71 9.11 -19.68 -14.13
C PRO B 71 9.72 -20.94 -14.73
N SER B 72 11.01 -20.85 -15.01
CA SER B 72 11.81 -21.99 -15.47
C SER B 72 12.86 -22.32 -14.42
N SER B 73 12.97 -23.61 -14.07
CA SER B 73 13.99 -24.05 -13.14
C SER B 73 15.40 -23.66 -13.57
N GLY B 74 15.65 -23.45 -14.87
CA GLY B 74 16.98 -23.03 -15.29
C GLY B 74 17.35 -21.58 -15.03
N SER B 75 16.41 -20.73 -14.62
CA SER B 75 16.58 -19.29 -14.68
C SER B 75 16.66 -18.63 -13.31
N THR B 76 17.33 -17.48 -13.28
CA THR B 76 17.38 -16.57 -12.13
C THR B 76 16.46 -15.39 -12.36
N TYR B 77 15.59 -15.13 -11.41
CA TYR B 77 14.72 -13.97 -11.44
C TYR B 77 15.10 -13.04 -10.31
N ALA B 78 14.95 -11.75 -10.55
CA ALA B 78 15.42 -10.79 -9.57
C ALA B 78 14.76 -9.45 -9.87
N CYS B 79 14.85 -8.57 -8.87
CA CYS B 79 14.30 -7.24 -8.95
C CYS B 79 15.45 -6.26 -8.71
N LYS B 80 15.68 -5.37 -9.67
CA LYS B 80 16.76 -4.39 -9.58
C LYS B 80 16.18 -3.04 -9.16
N VAL B 81 16.74 -2.46 -8.10
CA VAL B 81 16.17 -1.27 -7.49
C VAL B 81 17.21 -0.17 -7.44
N GLU B 82 16.87 1.00 -7.97
CA GLU B 82 17.72 2.18 -7.88
C GLU B 82 16.97 3.29 -7.16
N HIS B 83 17.64 3.93 -6.22
CA HIS B 83 17.02 4.95 -5.39
C HIS B 83 18.09 5.92 -4.92
N GLU B 84 17.67 7.17 -4.67
CA GLU B 84 18.65 8.21 -4.31
C GLU B 84 19.43 7.85 -3.06
N THR B 85 18.82 7.10 -2.15
CA THR B 85 19.49 6.69 -0.93
C THR B 85 20.51 5.59 -1.19
N LEU B 86 20.65 5.15 -2.45
CA LEU B 86 21.41 3.98 -2.82
C LEU B 86 22.56 4.40 -3.72
N LYS B 87 23.81 4.16 -3.28
CA LYS B 87 24.94 4.54 -4.11
C LYS B 87 25.03 3.68 -5.37
N GLU B 88 24.58 2.44 -5.31
CA GLU B 88 24.58 1.55 -6.46
C GLU B 88 23.26 0.79 -6.49
N PRO B 89 22.86 0.28 -7.66
CA PRO B 89 21.60 -0.46 -7.72
C PRO B 89 21.67 -1.70 -6.82
N GLN B 90 20.51 -2.02 -6.25
CA GLN B 90 20.32 -3.16 -5.37
C GLN B 90 19.56 -4.23 -6.14
N VAL B 91 20.08 -5.46 -6.15
CA VAL B 91 19.47 -6.57 -6.88
C VAL B 91 18.92 -7.56 -5.87
N TYR B 92 17.62 -7.77 -5.89
CA TYR B 92 16.97 -8.68 -4.97
C TYR B 92 16.58 -9.93 -5.73
N LYS B 93 17.13 -11.07 -5.32
CA LYS B 93 16.88 -12.32 -6.03
C LYS B 93 15.58 -12.95 -5.55
N TRP B 94 14.77 -13.43 -6.50
CA TRP B 94 13.58 -14.19 -6.15
C TRP B 94 13.99 -15.59 -5.71
N ASP B 95 13.47 -16.02 -4.55
CA ASP B 95 13.63 -17.36 -4.01
C ASP B 95 12.45 -18.25 -4.44
N PRO B 96 12.62 -19.09 -5.44
CA PRO B 96 11.45 -19.76 -6.05
C PRO B 96 10.72 -20.73 -5.13
N GLU B 97 11.41 -21.43 -4.23
CA GLU B 97 10.75 -22.43 -3.39
C GLU B 97 10.06 -23.52 -4.23
N PHE B 98 10.75 -24.04 -5.24
CA PHE B 98 10.18 -25.12 -6.05
C PHE B 98 10.08 -26.41 -5.25
C1 140 C . -8.88 23.11 0.57
O1 140 C . -9.69 23.52 1.45
O2 140 C . -9.30 22.27 -0.29
C2 140 C . -7.43 23.60 0.52
N 140 C . -6.74 22.70 -0.38
C3 140 C . -6.09 21.53 0.16
O3 140 C . -6.09 21.37 1.34
C4 140 C . -5.38 20.55 -0.78
C5 140 C . -6.08 19.19 -0.93
C6 140 C . -7.58 19.18 -1.24
C7 140 C . -7.93 18.15 -2.31
C8 140 C . -9.02 17.15 -1.91
C9 140 C . -9.90 16.71 -3.07
C10 140 C . -9.71 15.25 -3.44
C11 140 C . -11.00 14.45 -3.67
C12 140 C . -10.96 13.83 -5.06
C13 140 C . -11.70 12.49 -5.22
C14 140 C . -10.66 11.42 -5.63
C15 140 C . -10.96 10.66 -6.93
C16 140 C . -9.80 9.79 -7.38
C17 140 C . -9.54 8.64 -6.41
C18 140 C . -10.80 7.79 -6.28
C1 GOL D . 6.18 -28.32 -1.54
O1 GOL D . 6.62 -29.55 -0.90
C2 GOL D . 4.67 -28.03 -1.18
O2 GOL D . 3.85 -29.06 -1.59
C3 GOL D . 4.71 -27.78 0.37
O3 GOL D . 3.62 -26.91 0.69
H11 GOL D . 6.25 -28.37 -2.51
H12 GOL D . 6.70 -27.56 -1.27
HO1 GOL D . 6.79 -29.38 -0.06
H2 GOL D . 4.31 -27.26 -1.63
HO2 GOL D . 4.12 -29.75 -1.21
H31 GOL D . 5.58 -27.42 0.60
H32 GOL D . 4.67 -28.64 0.82
HO3 GOL D . 3.88 -26.13 0.50
C1 PGE E . -5.96 -29.26 9.72
O1 PGE E . -6.30 -28.80 11.02
C2 PGE E . -4.93 -28.38 9.10
O2 PGE E . -4.87 -28.56 7.68
C3 PGE E . -6.08 -28.25 7.01
C4 PGE E . -5.79 -28.06 5.56
O4 PGE E . -7.75 -26.37 3.87
C6 PGE E . -6.74 -25.45 4.21
C5 PGE E . -6.04 -25.71 5.51
O3 PGE E . -5.15 -26.81 5.37
H1 PGE E . -6.77 -29.27 9.15
H12 PGE E . -5.62 -30.18 9.77
HO1 PGE E . -6.62 -28.02 10.97
H2 PGE E . -5.15 -27.45 9.28
H22 PGE E . -4.05 -28.59 9.48
H3 PGE E . -6.72 -28.99 7.13
H32 PGE E . -6.47 -27.43 7.39
H4 PGE E . -5.22 -28.79 5.22
H42 PGE E . -6.63 -28.08 5.04
HO4 PGE E . -8.36 -26.36 4.47
H6 PGE E . -6.07 -25.45 3.49
H62 PGE E . -7.14 -24.56 4.25
H5 PGE E . -5.53 -24.91 5.78
H52 PGE E . -6.69 -25.90 6.21
C1 GOL F . -2.05 30.96 3.11
O1 GOL F . -3.29 30.31 2.90
C2 GOL F . -0.87 30.22 2.34
O2 GOL F . -0.06 31.09 1.62
C3 GOL F . -0.16 29.56 3.56
O3 GOL F . 0.27 28.31 3.20
H11 GOL F . -1.82 30.99 4.06
H12 GOL F . -2.07 31.88 2.82
HO1 GOL F . -3.86 30.72 3.38
H2 GOL F . -1.18 29.60 1.66
HO2 GOL F . 0.30 31.59 2.15
H31 GOL F . -0.78 29.56 4.30
H32 GOL F . 0.56 30.15 3.82
HO3 GOL F . -0.40 27.79 3.28
C1 GOL G . -14.17 20.12 -0.85
O1 GOL G . -14.63 21.43 -0.55
C2 GOL G . -12.76 20.16 -1.46
O2 GOL G . -12.60 19.13 -2.39
C3 GOL G . -12.66 21.52 -2.06
O3 GOL G . -11.56 22.09 -1.44
H11 GOL G . -14.75 19.67 -1.48
H12 GOL G . -14.13 19.55 -0.06
HO1 GOL G . -15.10 21.69 -1.23
H2 GOL G . -12.06 20.02 -0.81
HO2 GOL G . -13.11 19.30 -3.04
H31 GOL G . -13.49 22.00 -1.93
H32 GOL G . -12.57 21.44 -3.03
HO3 GOL G . -11.88 22.74 -0.97
C1 GOL H . -8.25 -11.81 10.86
O1 GOL H . -8.21 -10.96 11.97
C2 GOL H . -8.76 -13.18 11.33
O2 GOL H . -8.95 -14.02 10.26
C3 GOL H . -7.68 -13.69 12.26
O3 GOL H . -6.47 -13.41 11.62
H11 GOL H . -7.39 -11.92 10.44
H12 GOL H . -8.84 -11.48 10.16
HO1 GOL H . -8.52 -11.41 12.60
H2 GOL H . -9.61 -13.12 11.78
HO2 GOL H . -8.68 -13.62 9.55
H31 GOL H . -7.82 -14.64 12.44
H32 GOL H . -7.76 -13.25 13.13
HO3 GOL H . -6.55 -13.71 10.82
CL CL I . 1.21 -30.53 5.25
NA NA J . 2.41 15.40 -14.83
C1 GOL K . 8.64 -16.33 -20.94
O1 GOL K . 9.99 -16.21 -20.63
C2 GOL K . 7.90 -16.26 -19.59
O2 GOL K . 8.78 -16.15 -18.53
C3 GOL K . 7.02 -15.03 -19.74
O3 GOL K . 6.04 -15.33 -20.71
H11 GOL K . 8.43 -17.17 -21.38
H12 GOL K . 8.32 -15.63 -21.53
HO1 GOL K . 10.16 -16.82 -20.06
H2 GOL K . 7.38 -17.05 -19.41
HO2 GOL K . 9.27 -15.48 -18.66
H31 GOL K . 7.58 -14.27 -19.99
H32 GOL K . 6.65 -14.80 -18.88
HO3 GOL K . 6.13 -16.15 -20.91
#